data_3BT6
#
_entry.id   3BT6
#
_cell.length_a   98.296
_cell.length_b   98.296
_cell.length_c   135.838
_cell.angle_alpha   90.000
_cell.angle_beta   90.000
_cell.angle_gamma   120.000
#
_symmetry.space_group_name_H-M   'P 3 2 1'
#
loop_
_entity.id
_entity.type
_entity.pdbx_description
1 polymer 'Influenza B hemagglutinin (HA)'
2 polymer 'Influenza B hemagglutinin (HA)'
3 branched 2-acetamido-2-deoxy-beta-D-glucopyranose-(1-4)-2-acetamido-2-deoxy-beta-D-glucopyranose
4 branched 2-acetamido-2-deoxy-alpha-D-glucopyranose-(1-4)-2-acetamido-2-deoxy-beta-D-glucopyranose
5 non-polymer 2-acetamido-2-deoxy-beta-D-glucopyranose
6 non-polymer 'SULFATE ION'
7 water water
#
loop_
_entity_poly.entity_id
_entity_poly.type
_entity_poly.pdbx_seq_one_letter_code
_entity_poly.pdbx_strand_id
1 'polypeptide(L)'
;DRICTGITSSNSPHVVKTATQGEVNVTGVIPLTTTPTKSHFANLKGTQTRGKLCPNCLNCTDLDVALGRPKCMGTIPSAK
ASILHEVKPVTSGCFPIMHDRTKIRQLPNLLRGYENIRLSARNVTNAETAPGGPYIVGTSGSCPNVTNGNGFFATMAWAV
PKNKTATNPLTVEVPYICTKGEDQITVWGFHSDDETQMVKLYGDSKPQKFTSSANGVTTHYVSQIGGFPNQAEDEGLPQS
GRIVVDYMVQKPGKTGTIAYQRGVLLPQKVWCASGRSKVIKGSLPLIGEADCLHEKYGGLNKSKPYYTGEHAKAIGNCPI
WVKTPLKLANGTKYRPPAKLLK
;
A
2 'polypeptide(L)'
;GFFGAIAGFLEGGWEGMIAGWHGYTSHGAHGVAVAADLKSTQEAINKITKNLNSLSELEVKNLQRLSGAMDELHNEILEL
DEKVDDLRADTISSQIELAVLLSNEGIINSEDEHLLALERKLKKMLGPSAVDIGNGCFETKHKCNQTCLDRIAAGTFNAG
EFSLPTFDS
;
B
#
loop_
_chem_comp.id
_chem_comp.type
_chem_comp.name
_chem_comp.formula
NAG D-saccharide, beta linking 2-acetamido-2-deoxy-beta-D-glucopyranose 'C8 H15 N O6'
NDG D-saccharide, alpha linking 2-acetamido-2-deoxy-alpha-D-glucopyranose 'C8 H15 N O6'
SO4 non-polymer 'SULFATE ION' 'O4 S -2'
#
# COMPACT_ATOMS: atom_id res chain seq x y z
N ASP A 1 40.44 49.25 0.89
CA ASP A 1 40.06 47.83 0.62
C ASP A 1 38.64 47.56 1.11
N ARG A 2 37.94 46.74 0.34
CA ARG A 2 36.59 46.40 0.69
C ARG A 2 36.48 44.89 0.83
N ILE A 3 35.95 44.48 1.97
CA ILE A 3 35.68 43.07 2.19
C ILE A 3 34.17 42.95 2.24
N CYS A 4 33.66 41.91 1.60
CA CYS A 4 32.23 41.79 1.39
C CYS A 4 31.80 40.37 1.62
N THR A 5 30.50 40.19 1.77
CA THR A 5 29.92 38.87 1.84
C THR A 5 29.50 38.56 0.44
N GLY A 6 29.54 37.28 0.10
CA GLY A 6 29.08 36.85 -1.21
C GLY A 6 28.55 35.44 -1.11
N ILE A 7 27.84 35.03 -2.15
CA ILE A 7 27.45 33.63 -2.28
C ILE A 7 28.08 33.01 -3.54
N THR A 8 27.96 31.70 -3.69
CA THR A 8 28.59 30.97 -4.78
C THR A 8 27.82 31.06 -6.09
N SER A 9 28.52 30.80 -7.18
CA SER A 9 27.93 30.50 -8.47
C SER A 9 28.48 29.15 -8.86
N SER A 10 27.63 28.26 -9.32
CA SER A 10 28.09 26.95 -9.77
C SER A 10 27.03 26.21 -10.58
N ASN A 11 27.37 25.01 -11.02
CA ASN A 11 26.46 24.17 -11.79
C ASN A 11 25.13 24.05 -11.07
N SER A 12 24.08 24.58 -11.69
CA SER A 12 22.76 24.56 -11.07
C SER A 12 21.69 24.09 -12.06
N PRO A 13 21.72 22.79 -12.40
CA PRO A 13 20.82 22.22 -13.39
C PRO A 13 19.49 21.80 -12.77
N HIS A 14 19.46 21.68 -11.45
CA HIS A 14 18.28 21.22 -10.74
C HIS A 14 17.36 22.42 -10.48
N VAL A 15 16.07 22.23 -10.71
CA VAL A 15 15.09 23.30 -10.51
C VAL A 15 14.14 22.98 -9.35
N VAL A 16 13.71 24.01 -8.61
CA VAL A 16 12.82 23.81 -7.46
C VAL A 16 11.61 24.76 -7.38
N LYS A 17 10.55 24.26 -6.74
CA LYS A 17 9.29 24.96 -6.61
C LYS A 17 9.25 25.83 -5.34
N THR A 18 9.07 27.14 -5.51
CA THR A 18 8.89 28.06 -4.38
C THR A 18 7.63 28.88 -4.54
N ALA A 19 7.13 29.40 -3.42
CA ALA A 19 5.89 30.18 -3.39
C ALA A 19 6.11 31.60 -3.88
N THR A 20 7.13 32.24 -3.33
CA THR A 20 7.41 33.64 -3.59
C THR A 20 8.23 33.94 -4.85
N GLN A 21 9.10 33.03 -5.27
CA GLN A 21 10.01 33.34 -6.37
C GLN A 21 9.74 32.53 -7.63
N GLY A 22 8.58 31.88 -7.69
CA GLY A 22 8.28 30.97 -8.79
C GLY A 22 9.20 29.78 -8.69
N GLU A 23 9.61 29.26 -9.84
CA GLU A 23 10.45 28.07 -9.90
C GLU A 23 11.88 28.50 -10.15
N VAL A 24 12.82 28.05 -9.32
CA VAL A 24 14.22 28.53 -9.41
C VAL A 24 15.29 27.45 -9.57
N ASN A 25 16.40 27.79 -10.21
CA ASN A 25 17.51 26.85 -10.33
C ASN A 25 18.37 26.82 -9.08
N VAL A 26 18.87 25.65 -8.73
CA VAL A 26 19.55 25.45 -7.44
C VAL A 26 20.85 24.64 -7.56
N THR A 27 21.83 24.96 -6.71
CA THR A 27 23.12 24.26 -6.66
C THR A 27 22.93 22.75 -6.68
N GLY A 28 22.26 22.22 -5.67
CA GLY A 28 22.07 20.78 -5.57
C GLY A 28 20.78 20.44 -4.84
N VAL A 29 20.37 19.19 -4.93
CA VAL A 29 19.12 18.79 -4.31
C VAL A 29 19.19 17.38 -3.75
N ILE A 30 18.39 17.15 -2.72
CA ILE A 30 18.09 15.83 -2.22
C ILE A 30 16.76 15.46 -2.83
N PRO A 31 16.75 14.39 -3.63
CA PRO A 31 15.48 13.94 -4.21
C PRO A 31 14.68 13.16 -3.17
N LEU A 32 13.36 13.26 -3.22
CA LEU A 32 12.49 12.59 -2.27
C LEU A 32 11.63 11.55 -2.99
N THR A 33 11.91 11.40 -4.28
CA THR A 33 11.10 10.64 -5.21
C THR A 33 11.89 9.48 -5.80
N THR A 34 11.17 8.44 -6.24
CA THR A 34 11.72 7.35 -7.01
C THR A 34 10.55 6.88 -7.83
N THR A 35 10.80 6.34 -9.01
CA THR A 35 9.79 5.48 -9.61
C THR A 35 10.23 4.05 -9.35
N PRO A 36 9.38 3.28 -8.68
CA PRO A 36 9.74 1.88 -8.54
C PRO A 36 9.55 1.14 -9.87
N THR A 37 10.01 -0.09 -9.92
CA THR A 37 9.89 -0.90 -11.12
C THR A 37 9.24 -2.24 -10.78
N LYS A 38 8.33 -2.66 -11.66
CA LYS A 38 7.63 -3.93 -11.52
C LYS A 38 8.58 -5.06 -11.15
N SER A 39 8.25 -5.77 -10.07
CA SER A 39 8.96 -7.01 -9.74
C SER A 39 8.10 -8.00 -8.95
N HIS A 40 8.64 -9.19 -8.74
CA HIS A 40 7.95 -10.28 -8.07
C HIS A 40 7.60 -9.92 -6.64
N PHE A 41 6.57 -10.54 -6.08
CA PHE A 41 6.14 -10.22 -4.73
C PHE A 41 7.00 -10.95 -3.70
N ALA A 42 6.76 -10.66 -2.42
CA ALA A 42 7.59 -11.21 -1.35
C ALA A 42 6.83 -11.25 -0.03
N ASN A 43 7.33 -12.03 0.92
CA ASN A 43 6.77 -12.08 2.26
C ASN A 43 6.96 -10.74 2.99
N LEU A 44 5.85 -10.12 3.38
CA LEU A 44 5.89 -8.79 3.99
C LEU A 44 6.57 -8.76 5.34
N LYS A 45 7.72 -8.09 5.37
CA LYS A 45 8.60 -7.93 6.55
C LYS A 45 8.03 -8.35 7.91
N GLY A 46 7.45 -7.37 8.62
CA GLY A 46 6.99 -7.60 9.98
C GLY A 46 5.68 -8.37 10.10
N THR A 47 5.46 -9.31 9.16
CA THR A 47 4.25 -10.15 9.17
C THR A 47 4.49 -11.48 8.43
N GLN A 48 3.35 -12.12 8.10
CA GLN A 48 3.33 -13.42 7.40
C GLN A 48 2.33 -13.25 6.28
N THR A 49 2.63 -13.85 5.14
CA THR A 49 1.87 -13.56 3.94
C THR A 49 1.16 -14.78 3.36
N ARG A 50 -0.17 -14.68 3.25
CA ARG A 50 -1.00 -15.76 2.70
C ARG A 50 -0.66 -16.09 1.26
N GLY A 51 -0.67 -17.39 0.96
CA GLY A 51 -0.45 -17.87 -0.38
C GLY A 51 -1.72 -18.53 -0.88
N LYS A 52 -1.71 -19.86 -0.91
CA LYS A 52 -2.86 -20.62 -1.42
C LYS A 52 -3.92 -20.88 -0.37
N LEU A 53 -3.98 -19.97 0.62
CA LEU A 53 -4.96 -20.05 1.70
C LEU A 53 -4.59 -21.22 2.58
N CYS A 54 -4.02 -22.25 1.97
CA CYS A 54 -3.53 -23.42 2.67
C CYS A 54 -2.28 -23.95 1.97
N PRO A 55 -1.10 -23.57 2.50
CA PRO A 55 0.13 -24.28 2.16
C PRO A 55 0.10 -25.58 2.95
N ASN A 56 0.87 -26.58 2.55
CA ASN A 56 0.88 -27.87 3.27
C ASN A 56 -0.41 -28.67 2.98
N CYS A 57 -1.39 -27.99 2.38
CA CYS A 57 -2.67 -28.58 1.93
C CYS A 57 -2.56 -28.69 0.40
N LEU A 58 -1.43 -29.28 -0.03
CA LEU A 58 -0.88 -29.21 -1.39
C LEU A 58 -1.78 -29.55 -2.57
N ASN A 59 -1.38 -29.04 -3.74
CA ASN A 59 -2.05 -29.33 -5.01
C ASN A 59 -3.58 -29.25 -4.93
N CYS A 60 -4.09 -28.06 -4.61
CA CYS A 60 -5.52 -27.80 -4.49
C CYS A 60 -5.77 -26.32 -4.70
N THR A 61 -6.98 -25.96 -5.12
CA THR A 61 -7.36 -24.55 -5.17
C THR A 61 -7.76 -24.11 -3.80
N ASP A 62 -7.69 -22.80 -3.58
CA ASP A 62 -8.28 -22.17 -2.42
C ASP A 62 -9.77 -22.43 -2.41
N LEU A 63 -10.39 -22.34 -3.60
CA LEU A 63 -11.80 -22.69 -3.75
C LEU A 63 -12.01 -24.15 -3.37
N ASP A 64 -11.15 -25.03 -3.89
CA ASP A 64 -11.16 -26.44 -3.54
C ASP A 64 -11.16 -26.57 -2.04
N VAL A 65 -10.12 -26.02 -1.43
CA VAL A 65 -9.93 -26.04 0.00
C VAL A 65 -11.15 -25.49 0.72
N ALA A 66 -11.63 -24.34 0.26
CA ALA A 66 -12.79 -23.65 0.81
C ALA A 66 -13.98 -24.59 0.86
N LEU A 67 -14.24 -25.23 -0.29
CA LEU A 67 -15.35 -26.16 -0.45
C LEU A 67 -15.20 -27.44 0.36
N GLY A 68 -14.01 -27.69 0.90
CA GLY A 68 -13.76 -28.87 1.72
C GLY A 68 -13.64 -30.14 0.89
N ARG A 69 -12.97 -30.02 -0.25
CA ARG A 69 -12.64 -31.15 -1.11
C ARG A 69 -11.82 -32.17 -0.33
N PRO A 70 -12.19 -33.46 -0.40
CA PRO A 70 -11.66 -34.63 0.32
C PRO A 70 -10.20 -34.55 0.79
N LYS A 71 -9.28 -34.51 -0.17
CA LYS A 71 -7.83 -34.42 0.10
C LYS A 71 -7.45 -33.06 0.67
N CYS A 72 -7.90 -32.01 -0.01
CA CYS A 72 -7.62 -30.60 0.30
C CYS A 72 -8.10 -30.14 1.66
N MET A 73 -8.16 -31.08 2.60
CA MET A 73 -8.69 -30.76 3.91
C MET A 73 -7.59 -30.48 4.95
N GLY A 74 -6.53 -29.81 4.50
CA GLY A 74 -5.42 -29.44 5.39
C GLY A 74 -5.77 -28.30 6.34
N THR A 75 -4.80 -27.86 7.15
CA THR A 75 -5.02 -26.82 8.17
C THR A 75 -4.42 -25.46 7.83
N ILE A 76 -5.20 -24.41 8.13
CA ILE A 76 -4.92 -23.04 7.71
C ILE A 76 -4.06 -22.27 8.70
N PRO A 77 -2.93 -21.72 8.20
CA PRO A 77 -2.14 -20.87 9.06
C PRO A 77 -2.76 -19.48 9.12
N SER A 78 -2.71 -18.87 10.30
CA SER A 78 -3.13 -17.48 10.43
C SER A 78 -2.05 -16.56 9.85
N ALA A 79 -2.50 -15.42 9.33
CA ALA A 79 -1.60 -14.38 8.83
C ALA A 79 -2.31 -13.06 9.03
N LYS A 80 -1.56 -11.96 9.01
CA LYS A 80 -2.15 -10.62 9.13
C LYS A 80 -2.09 -9.86 7.81
N ALA A 81 -1.50 -10.49 6.80
CA ALA A 81 -1.38 -9.91 5.49
C ALA A 81 -1.63 -10.98 4.44
N SER A 82 -2.67 -10.80 3.63
CA SER A 82 -3.05 -11.80 2.63
C SER A 82 -2.90 -11.25 1.22
N ILE A 83 -2.61 -12.15 0.28
CA ILE A 83 -2.61 -11.74 -1.12
C ILE A 83 -3.63 -12.45 -1.99
N LEU A 84 -4.22 -11.70 -2.89
CA LEU A 84 -5.20 -12.20 -3.81
C LEU A 84 -4.57 -12.41 -5.19
N HIS A 85 -4.36 -13.67 -5.55
CA HIS A 85 -3.82 -14.03 -6.87
C HIS A 85 -4.90 -14.43 -7.86
N GLU A 86 -6.06 -14.83 -7.34
CA GLU A 86 -7.16 -15.24 -8.19
C GLU A 86 -8.33 -14.28 -8.03
N VAL A 87 -8.58 -13.47 -9.04
CA VAL A 87 -9.78 -12.64 -9.04
C VAL A 87 -11.00 -13.56 -9.26
N LYS A 88 -10.79 -14.59 -10.08
CA LYS A 88 -11.79 -15.63 -10.34
C LYS A 88 -11.16 -16.99 -10.02
N PRO A 89 -11.20 -17.40 -8.74
CA PRO A 89 -10.60 -18.66 -8.35
C PRO A 89 -11.32 -19.87 -8.91
N VAL A 90 -10.55 -20.94 -9.10
CA VAL A 90 -10.96 -22.08 -9.89
C VAL A 90 -11.14 -23.28 -8.97
N THR A 91 -11.79 -24.33 -9.47
CA THR A 91 -11.86 -25.62 -8.80
C THR A 91 -10.98 -26.53 -9.64
N SER A 92 -10.27 -27.45 -9.00
CA SER A 92 -9.37 -28.34 -9.75
C SER A 92 -9.63 -29.83 -9.52
N GLY A 93 -10.88 -30.24 -9.67
CA GLY A 93 -11.26 -31.62 -9.41
C GLY A 93 -12.60 -31.73 -8.76
N CYS A 94 -12.91 -32.95 -8.27
CA CYS A 94 -14.17 -33.25 -7.62
C CYS A 94 -15.40 -33.10 -8.54
N PHE A 95 -16.56 -32.87 -7.94
CA PHE A 95 -17.86 -32.88 -8.61
C PHE A 95 -18.15 -31.58 -9.34
N PRO A 96 -18.46 -31.66 -10.64
CA PRO A 96 -18.89 -30.55 -11.50
C PRO A 96 -19.84 -29.57 -10.82
N ILE A 97 -19.42 -28.31 -10.75
CA ILE A 97 -20.22 -27.23 -10.18
C ILE A 97 -20.49 -26.24 -11.28
N MET A 98 -21.70 -25.70 -11.32
CA MET A 98 -22.01 -24.61 -12.26
C MET A 98 -21.68 -23.27 -11.59
N HIS A 99 -20.39 -23.07 -11.36
CA HIS A 99 -19.87 -21.92 -10.60
C HIS A 99 -20.62 -20.61 -10.85
N ASP A 100 -20.71 -20.23 -12.12
CA ASP A 100 -21.13 -18.89 -12.49
C ASP A 100 -22.58 -18.51 -12.16
N ARG A 101 -23.18 -19.25 -11.24
CA ARG A 101 -24.58 -19.06 -10.86
C ARG A 101 -24.75 -18.60 -9.43
N THR A 102 -23.63 -18.40 -8.75
CA THR A 102 -23.61 -18.00 -7.35
C THR A 102 -22.33 -17.22 -7.03
N LYS A 103 -22.43 -16.34 -6.04
CA LYS A 103 -21.28 -15.61 -5.50
C LYS A 103 -20.12 -16.52 -5.04
N ILE A 104 -20.30 -17.83 -5.21
CA ILE A 104 -19.45 -18.85 -4.60
C ILE A 104 -17.95 -18.70 -4.84
N ARG A 105 -17.54 -18.47 -6.08
CA ARG A 105 -16.12 -18.36 -6.42
C ARG A 105 -15.31 -17.48 -5.47
N GLN A 106 -15.94 -16.45 -4.92
CA GLN A 106 -15.26 -15.49 -4.09
C GLN A 106 -14.99 -16.00 -2.68
N LEU A 107 -15.57 -17.14 -2.32
CA LEU A 107 -15.47 -17.64 -0.95
C LEU A 107 -14.04 -17.66 -0.41
N PRO A 108 -13.09 -18.27 -1.17
CA PRO A 108 -11.67 -18.22 -0.79
C PRO A 108 -11.22 -16.81 -0.39
N ASN A 109 -11.60 -15.81 -1.17
CA ASN A 109 -11.19 -14.43 -0.92
C ASN A 109 -11.94 -13.77 0.21
N LEU A 110 -13.16 -14.23 0.47
CA LEU A 110 -13.87 -13.72 1.63
C LEU A 110 -13.10 -14.19 2.84
N LEU A 111 -12.77 -15.48 2.83
CA LEU A 111 -12.02 -16.11 3.91
C LEU A 111 -10.67 -15.44 4.09
N ARG A 112 -9.98 -15.23 2.97
CA ARG A 112 -8.69 -14.55 2.98
C ARG A 112 -8.76 -13.26 3.79
N GLY A 113 -9.94 -12.65 3.82
CA GLY A 113 -10.16 -11.39 4.52
C GLY A 113 -9.71 -11.43 5.96
N TYR A 114 -9.86 -12.61 6.57
CA TYR A 114 -9.70 -12.79 8.01
C TYR A 114 -8.31 -13.15 8.44
N GLU A 115 -8.03 -12.85 9.71
CA GLU A 115 -6.76 -13.20 10.30
C GLU A 115 -6.74 -14.70 10.55
N ASN A 116 -7.82 -15.17 11.17
CA ASN A 116 -7.99 -16.57 11.54
C ASN A 116 -9.17 -17.19 10.84
N ILE A 117 -8.92 -18.33 10.20
CA ILE A 117 -10.00 -19.10 9.61
C ILE A 117 -9.80 -20.57 9.98
N ARG A 118 -10.91 -21.28 10.23
CA ARG A 118 -10.81 -22.69 10.53
C ARG A 118 -11.94 -23.51 9.91
N LEU A 119 -11.57 -24.73 9.51
CA LEU A 119 -12.44 -25.73 8.89
C LEU A 119 -13.73 -25.98 9.67
N SER A 120 -13.59 -26.53 10.90
CA SER A 120 -14.74 -26.66 11.80
C SER A 120 -14.56 -27.75 12.85
N ALA A 121 -14.68 -27.35 14.11
CA ALA A 121 -14.88 -28.30 15.20
C ALA A 121 -16.39 -28.67 15.27
N ARG A 122 -16.74 -29.78 14.59
CA ARG A 122 -18.13 -30.31 14.46
C ARG A 122 -18.75 -29.99 13.08
N ASN A 123 -19.95 -30.53 12.80
CA ASN A 123 -20.75 -30.11 11.63
C ASN A 123 -22.17 -29.64 11.99
N VAL A 124 -22.63 -28.58 11.32
CA VAL A 124 -23.79 -27.80 11.81
C VAL A 124 -25.09 -28.59 12.04
N THR A 125 -25.48 -29.39 11.04
CA THR A 125 -26.79 -30.02 11.04
C THR A 125 -26.70 -31.52 10.77
N ASN A 126 -27.48 -32.27 11.52
CA ASN A 126 -27.49 -33.73 11.43
C ASN A 126 -28.10 -34.17 10.12
N ALA A 127 -27.22 -34.60 9.21
CA ALA A 127 -27.57 -34.93 7.83
C ALA A 127 -28.82 -35.81 7.67
N GLU A 128 -28.90 -36.87 8.47
CA GLU A 128 -30.00 -37.82 8.39
C GLU A 128 -31.26 -37.34 9.11
N THR A 129 -31.08 -36.79 10.31
CA THR A 129 -32.20 -36.31 11.13
C THR A 129 -32.90 -35.10 10.52
N ALA A 130 -32.33 -34.55 9.45
CA ALA A 130 -32.85 -33.35 8.80
C ALA A 130 -34.30 -33.50 8.36
N PRO A 131 -35.11 -32.43 8.48
CA PRO A 131 -36.48 -32.38 7.96
C PRO A 131 -36.57 -32.94 6.55
N GLY A 132 -37.71 -33.57 6.26
CA GLY A 132 -37.84 -34.40 5.06
C GLY A 132 -37.59 -35.83 5.46
N GLY A 133 -37.72 -36.75 4.51
CA GLY A 133 -37.49 -38.18 4.79
C GLY A 133 -36.07 -38.41 5.28
N PRO A 134 -35.83 -39.52 6.00
CA PRO A 134 -34.47 -39.88 6.38
C PRO A 134 -33.54 -39.93 5.16
N TYR A 135 -32.40 -39.28 5.24
CA TYR A 135 -31.50 -39.18 4.10
C TYR A 135 -30.28 -40.08 4.24
N ILE A 136 -29.98 -40.80 3.17
CA ILE A 136 -28.68 -41.41 3.00
C ILE A 136 -27.76 -40.24 2.69
N VAL A 137 -26.65 -40.14 3.42
CA VAL A 137 -25.64 -39.13 3.12
C VAL A 137 -25.03 -39.52 1.79
N GLY A 138 -25.53 -38.92 0.73
CA GLY A 138 -25.08 -39.20 -0.61
C GLY A 138 -23.57 -39.13 -0.70
N THR A 139 -23.01 -40.18 -1.27
CA THR A 139 -21.58 -40.26 -1.46
C THR A 139 -21.34 -40.41 -2.95
N SER A 140 -20.37 -39.69 -3.48
CA SER A 140 -20.25 -39.56 -4.92
C SER A 140 -18.91 -39.98 -5.48
N GLY A 141 -18.97 -40.85 -6.46
CA GLY A 141 -17.80 -41.13 -7.28
C GLY A 141 -17.37 -39.81 -7.90
N SER A 142 -16.13 -39.78 -8.41
CA SER A 142 -15.52 -38.60 -9.04
C SER A 142 -15.11 -37.54 -8.02
N CYS A 143 -15.22 -37.89 -6.74
CA CYS A 143 -14.64 -37.08 -5.70
C CYS A 143 -13.90 -38.05 -4.79
N PRO A 144 -12.71 -38.48 -5.23
CA PRO A 144 -11.97 -39.52 -4.55
C PRO A 144 -11.67 -39.18 -3.10
N ASN A 145 -12.31 -39.93 -2.21
CA ASN A 145 -11.90 -40.06 -0.81
C ASN A 145 -10.40 -40.44 -0.84
N VAL A 146 -9.69 -40.31 0.28
CA VAL A 146 -8.25 -40.65 0.30
C VAL A 146 -7.99 -42.11 -0.12
N THR A 147 -8.65 -43.06 0.56
CA THR A 147 -8.68 -44.45 0.07
C THR A 147 -9.25 -44.41 -1.34
N ASN A 148 -10.50 -43.94 -1.40
CA ASN A 148 -11.29 -43.75 -2.61
C ASN A 148 -12.74 -43.95 -2.25
N GLY A 149 -13.60 -43.76 -3.24
CA GLY A 149 -15.01 -44.01 -3.08
C GLY A 149 -15.72 -42.86 -2.41
N ASN A 150 -16.43 -42.10 -3.23
CA ASN A 150 -17.62 -41.38 -2.78
C ASN A 150 -17.42 -40.12 -1.94
N GLY A 151 -16.17 -39.68 -1.79
CA GLY A 151 -15.85 -38.50 -0.99
C GLY A 151 -16.66 -37.30 -1.41
N PHE A 152 -17.39 -36.72 -0.45
CA PHE A 152 -18.19 -35.54 -0.73
C PHE A 152 -17.88 -34.42 0.24
N PHE A 153 -17.52 -33.26 -0.33
CA PHE A 153 -17.19 -32.03 0.39
C PHE A 153 -17.63 -31.99 1.83
N ALA A 154 -16.65 -31.92 2.74
CA ALA A 154 -16.93 -31.85 4.18
C ALA A 154 -17.92 -30.72 4.48
N THR A 155 -17.92 -29.74 3.58
CA THR A 155 -18.74 -28.56 3.62
C THR A 155 -20.23 -28.84 3.77
N MET A 156 -20.72 -29.83 3.02
CA MET A 156 -22.16 -30.07 2.92
C MET A 156 -22.50 -31.54 2.65
N ALA A 157 -23.74 -31.93 2.93
CA ALA A 157 -24.17 -33.30 2.76
C ALA A 157 -25.08 -33.43 1.55
N TRP A 158 -24.82 -34.47 0.76
CA TRP A 158 -25.56 -34.83 -0.43
C TRP A 158 -26.82 -35.54 0.08
N ALA A 159 -27.91 -34.79 0.23
CA ALA A 159 -29.12 -35.32 0.91
C ALA A 159 -30.04 -36.13 0.00
N VAL A 160 -29.80 -37.43 -0.07
CA VAL A 160 -30.60 -38.37 -0.87
C VAL A 160 -31.61 -39.06 0.04
N PRO A 161 -32.90 -39.06 -0.36
CA PRO A 161 -33.89 -39.66 0.51
C PRO A 161 -34.21 -41.11 0.17
N LYS A 162 -34.29 -41.95 1.21
CA LYS A 162 -35.01 -43.20 1.10
C LYS A 162 -36.46 -42.75 1.16
N ASN A 163 -37.37 -43.54 0.61
CA ASN A 163 -38.77 -43.09 0.50
C ASN A 163 -38.78 -41.92 -0.48
N LYS A 164 -38.56 -42.26 -1.74
CA LYS A 164 -38.40 -41.31 -2.84
C LYS A 164 -39.74 -40.67 -3.18
N THR A 165 -40.00 -39.48 -2.62
CA THR A 165 -41.24 -38.76 -2.92
C THR A 165 -41.04 -37.25 -2.98
N ALA A 166 -41.70 -36.62 -3.94
CA ALA A 166 -41.71 -35.16 -4.11
C ALA A 166 -42.02 -34.43 -2.80
N THR A 167 -41.48 -33.22 -2.66
CA THR A 167 -41.55 -32.51 -1.39
C THR A 167 -42.04 -31.09 -1.53
N ASN A 168 -42.88 -30.68 -0.59
CA ASN A 168 -43.17 -29.28 -0.43
C ASN A 168 -42.11 -28.66 0.46
N PRO A 169 -41.53 -27.53 0.02
CA PRO A 169 -40.37 -26.87 0.64
C PRO A 169 -40.27 -27.02 2.16
N LEU A 170 -39.07 -27.39 2.62
CA LEU A 170 -38.80 -27.60 4.03
C LEU A 170 -37.83 -26.54 4.52
N THR A 171 -37.79 -26.31 5.84
CA THR A 171 -36.90 -25.31 6.40
C THR A 171 -35.94 -25.90 7.43
N VAL A 172 -34.66 -25.88 7.11
CA VAL A 172 -33.61 -26.19 8.09
C VAL A 172 -33.16 -24.88 8.76
N GLU A 173 -32.82 -24.96 10.05
CA GLU A 173 -32.34 -23.81 10.81
C GLU A 173 -30.86 -23.96 11.16
N VAL A 174 -29.99 -23.28 10.41
CA VAL A 174 -28.54 -23.36 10.66
C VAL A 174 -28.12 -22.39 11.77
N PRO A 175 -27.83 -22.94 12.97
CA PRO A 175 -27.52 -22.13 14.16
C PRO A 175 -26.11 -21.55 14.11
N TYR A 176 -25.69 -20.92 15.20
CA TYR A 176 -24.43 -20.17 15.19
C TYR A 176 -23.16 -21.01 15.23
N ILE A 177 -22.97 -21.81 16.29
CA ILE A 177 -21.97 -22.88 16.30
C ILE A 177 -20.49 -22.45 16.25
N CYS A 178 -20.20 -21.15 16.40
CA CYS A 178 -18.80 -20.70 16.34
C CYS A 178 -18.30 -20.15 17.65
N THR A 179 -17.12 -20.63 18.05
CA THR A 179 -16.39 -20.15 19.24
C THR A 179 -16.29 -18.64 19.23
N LYS A 180 -16.27 -18.03 20.41
CA LYS A 180 -15.98 -16.59 20.53
C LYS A 180 -17.03 -15.72 19.86
N GLY A 181 -16.60 -14.55 19.42
CA GLY A 181 -17.36 -13.73 18.49
C GLY A 181 -16.76 -13.88 17.11
N GLU A 182 -16.70 -15.12 16.63
CA GLU A 182 -16.20 -15.43 15.29
C GLU A 182 -17.27 -15.22 14.22
N ASP A 183 -16.84 -15.01 12.98
CA ASP A 183 -17.75 -15.01 11.84
C ASP A 183 -17.96 -16.45 11.42
N GLN A 184 -19.21 -16.84 11.20
CA GLN A 184 -19.49 -18.18 10.68
C GLN A 184 -19.78 -18.12 9.20
N ILE A 185 -19.03 -18.89 8.42
CA ILE A 185 -19.38 -19.04 7.02
C ILE A 185 -19.96 -20.41 6.70
N THR A 186 -21.26 -20.40 6.49
CA THR A 186 -22.01 -21.57 6.12
C THR A 186 -21.92 -21.78 4.61
N VAL A 187 -22.21 -23.00 4.18
CA VAL A 187 -21.98 -23.44 2.82
C VAL A 187 -23.02 -24.48 2.52
N TRP A 188 -23.43 -24.59 1.25
CA TRP A 188 -24.53 -25.46 0.90
C TRP A 188 -24.85 -25.31 -0.58
N GLY A 189 -25.84 -26.07 -1.03
CA GLY A 189 -26.28 -25.99 -2.42
C GLY A 189 -27.28 -27.07 -2.73
N PHE A 190 -27.34 -27.45 -4.01
CA PHE A 190 -28.22 -28.51 -4.44
C PHE A 190 -27.68 -29.22 -5.67
N HIS A 191 -27.91 -30.52 -5.70
CA HIS A 191 -27.64 -31.35 -6.85
C HIS A 191 -28.91 -31.43 -7.65
N SER A 192 -28.76 -31.47 -8.97
CA SER A 192 -29.85 -31.83 -9.86
C SER A 192 -29.32 -32.57 -11.07
N ASP A 193 -30.16 -33.40 -11.65
CA ASP A 193 -29.71 -34.38 -12.63
C ASP A 193 -30.74 -34.49 -13.74
N ASP A 194 -30.47 -35.36 -14.71
CA ASP A 194 -31.38 -35.56 -15.84
C ASP A 194 -32.69 -36.24 -15.44
N GLU A 195 -33.71 -36.00 -16.27
CA GLU A 195 -35.06 -36.51 -16.05
C GLU A 195 -35.12 -37.83 -15.28
N THR A 196 -34.51 -38.87 -15.85
CA THR A 196 -34.60 -40.23 -15.32
C THR A 196 -33.89 -40.40 -13.98
N GLN A 197 -32.70 -39.82 -13.88
CA GLN A 197 -31.87 -39.97 -12.70
C GLN A 197 -32.50 -39.24 -11.53
N MET A 198 -33.15 -38.13 -11.83
CA MET A 198 -33.90 -37.40 -10.83
C MET A 198 -34.87 -38.37 -10.17
N VAL A 199 -35.87 -38.83 -10.92
CA VAL A 199 -36.88 -39.78 -10.42
C VAL A 199 -36.24 -40.94 -9.66
N LYS A 200 -35.09 -41.40 -10.12
CA LYS A 200 -34.39 -42.49 -9.46
C LYS A 200 -33.81 -42.10 -8.09
N LEU A 201 -33.14 -40.95 -8.00
CA LEU A 201 -32.48 -40.52 -6.75
C LEU A 201 -33.49 -39.93 -5.79
N TYR A 202 -34.47 -39.22 -6.35
CA TYR A 202 -35.58 -38.65 -5.58
C TYR A 202 -36.83 -38.81 -6.42
N GLY A 203 -37.90 -39.30 -5.82
CA GLY A 203 -39.15 -39.55 -6.55
C GLY A 203 -39.76 -38.26 -7.08
N ASP A 204 -39.20 -37.75 -8.18
CA ASP A 204 -39.59 -36.47 -8.79
C ASP A 204 -38.65 -36.14 -9.95
N SER A 205 -39.12 -35.29 -10.86
CA SER A 205 -38.39 -34.95 -12.07
C SER A 205 -38.78 -33.53 -12.44
N LYS A 206 -38.77 -32.70 -11.41
CA LYS A 206 -39.38 -31.39 -11.45
C LYS A 206 -38.34 -30.37 -10.98
N PRO A 207 -38.34 -29.15 -11.58
CA PRO A 207 -37.42 -28.15 -11.07
C PRO A 207 -37.65 -27.92 -9.58
N GLN A 208 -36.55 -27.79 -8.84
CA GLN A 208 -36.58 -27.75 -7.39
C GLN A 208 -36.23 -26.36 -6.88
N LYS A 209 -37.03 -25.88 -5.93
CA LYS A 209 -36.92 -24.52 -5.44
C LYS A 209 -36.15 -24.43 -4.10
N PHE A 210 -35.23 -23.47 -4.04
CA PHE A 210 -34.35 -23.30 -2.89
C PHE A 210 -34.25 -21.83 -2.53
N THR A 211 -34.38 -21.55 -1.24
CA THR A 211 -34.35 -20.18 -0.73
C THR A 211 -33.62 -20.16 0.60
N SER A 212 -32.61 -19.31 0.71
CA SER A 212 -31.92 -19.12 1.96
C SER A 212 -32.09 -17.70 2.47
N SER A 213 -32.21 -17.58 3.78
CA SER A 213 -32.17 -16.29 4.44
C SER A 213 -31.03 -16.31 5.46
N ALA A 214 -30.30 -15.21 5.51
CA ALA A 214 -29.28 -14.95 6.52
C ALA A 214 -29.11 -13.45 6.65
N ASN A 215 -29.28 -12.96 7.88
CA ASN A 215 -29.21 -11.53 8.20
C ASN A 215 -29.86 -10.61 7.17
N GLY A 216 -31.13 -10.86 6.90
CA GLY A 216 -31.91 -10.05 5.98
C GLY A 216 -31.51 -10.20 4.53
N VAL A 217 -30.46 -10.98 4.28
CA VAL A 217 -30.06 -11.25 2.91
C VAL A 217 -30.73 -12.54 2.45
N THR A 218 -31.54 -12.42 1.40
CA THR A 218 -32.32 -13.54 0.87
C THR A 218 -31.92 -13.91 -0.56
N THR A 219 -31.80 -15.22 -0.83
CA THR A 219 -31.52 -15.72 -2.18
C THR A 219 -32.45 -16.89 -2.55
N HIS A 220 -32.90 -16.92 -3.81
CA HIS A 220 -33.84 -17.96 -4.30
C HIS A 220 -33.36 -18.54 -5.62
N TYR A 221 -33.30 -19.87 -5.71
CA TYR A 221 -32.80 -20.58 -6.88
C TYR A 221 -33.83 -21.56 -7.39
N VAL A 222 -33.66 -22.00 -8.63
CA VAL A 222 -34.54 -22.98 -9.28
C VAL A 222 -33.62 -23.94 -10.04
N SER A 223 -33.76 -25.23 -9.75
CA SER A 223 -32.83 -26.21 -10.28
C SER A 223 -33.10 -26.48 -11.74
N GLN A 224 -32.08 -26.99 -12.41
CA GLN A 224 -32.19 -27.38 -13.81
C GLN A 224 -32.23 -28.89 -13.93
N ILE A 225 -32.93 -29.38 -14.95
CA ILE A 225 -33.11 -30.82 -15.11
C ILE A 225 -32.26 -31.40 -16.23
N GLY A 226 -32.37 -30.84 -17.43
CA GLY A 226 -31.62 -31.40 -18.55
C GLY A 226 -30.77 -30.36 -19.23
N GLY A 227 -29.78 -30.83 -19.98
CA GLY A 227 -28.94 -29.95 -20.78
C GLY A 227 -28.15 -29.02 -19.90
N PHE A 228 -27.17 -29.58 -19.21
CA PHE A 228 -26.27 -28.79 -18.41
C PHE A 228 -25.04 -28.46 -19.24
N PRO A 229 -24.43 -27.28 -19.02
CA PRO A 229 -23.17 -26.96 -19.66
C PRO A 229 -22.13 -28.05 -19.45
N ASN A 230 -21.20 -28.16 -20.38
CA ASN A 230 -20.10 -29.08 -20.22
C ASN A 230 -19.53 -28.92 -18.85
N GLN A 231 -19.18 -30.03 -18.20
CA GLN A 231 -18.50 -29.94 -16.93
C GLN A 231 -17.07 -29.46 -17.13
N ALA A 232 -16.60 -28.62 -16.21
CA ALA A 232 -15.24 -28.09 -16.19
C ALA A 232 -14.85 -27.82 -14.72
N GLU A 233 -13.55 -27.81 -14.44
CA GLU A 233 -13.06 -27.63 -13.07
C GLU A 233 -13.57 -28.76 -12.16
N ASP A 234 -13.25 -29.99 -12.55
CA ASP A 234 -13.77 -31.20 -11.93
C ASP A 234 -12.86 -32.39 -12.26
N GLU A 235 -13.39 -33.61 -12.15
CA GLU A 235 -12.64 -34.79 -12.60
C GLU A 235 -13.18 -35.48 -13.88
N GLY A 236 -14.00 -36.52 -13.74
CA GLY A 236 -14.35 -37.34 -14.90
C GLY A 236 -15.68 -38.04 -14.89
N LEU A 237 -16.63 -37.46 -15.64
CA LEU A 237 -17.86 -38.11 -16.13
C LEU A 237 -18.98 -38.70 -15.24
N PRO A 238 -19.18 -38.20 -14.00
CA PRO A 238 -20.54 -38.48 -13.52
C PRO A 238 -21.39 -37.36 -14.09
N GLN A 239 -21.24 -37.16 -15.40
CA GLN A 239 -21.88 -36.09 -16.14
C GLN A 239 -23.39 -36.09 -15.92
N SER A 240 -23.88 -37.20 -15.37
CA SER A 240 -25.27 -37.29 -14.95
C SER A 240 -25.76 -35.90 -14.51
N GLY A 241 -25.23 -35.38 -13.40
CA GLY A 241 -25.70 -34.10 -12.88
C GLY A 241 -24.66 -33.06 -12.55
N ARG A 242 -25.12 -31.96 -11.97
CA ARG A 242 -24.24 -30.88 -11.51
C ARG A 242 -24.69 -30.34 -10.15
N ILE A 243 -23.77 -29.63 -9.49
CA ILE A 243 -24.04 -29.01 -8.22
C ILE A 243 -24.07 -27.50 -8.40
N VAL A 244 -25.14 -26.87 -7.91
CA VAL A 244 -25.14 -25.43 -7.72
C VAL A 244 -24.90 -25.22 -6.23
N VAL A 245 -23.83 -24.50 -5.92
CA VAL A 245 -23.38 -24.28 -4.54
C VAL A 245 -23.28 -22.80 -4.20
N ASP A 246 -23.59 -22.48 -2.95
CA ASP A 246 -23.53 -21.12 -2.46
C ASP A 246 -22.93 -21.07 -1.05
N TYR A 247 -22.58 -19.87 -0.60
CA TYR A 247 -22.20 -19.63 0.79
C TYR A 247 -23.15 -18.67 1.49
N MET A 248 -23.23 -18.82 2.81
CA MET A 248 -24.08 -18.01 3.65
C MET A 248 -23.19 -17.45 4.73
N VAL A 249 -23.35 -16.17 5.05
CA VAL A 249 -22.48 -15.57 6.05
C VAL A 249 -23.23 -15.19 7.33
N GLN A 250 -22.74 -15.71 8.45
CA GLN A 250 -23.40 -15.55 9.73
C GLN A 250 -22.54 -14.76 10.73
N LYS A 251 -23.04 -13.59 11.09
CA LYS A 251 -22.41 -12.76 12.12
C LYS A 251 -22.65 -13.41 13.48
N PRO A 252 -21.73 -13.18 14.45
CA PRO A 252 -21.84 -13.69 15.81
C PRO A 252 -23.27 -13.79 16.34
N GLY A 253 -23.68 -15.00 16.72
CA GLY A 253 -24.99 -15.24 17.30
C GLY A 253 -26.21 -15.16 16.39
N LYS A 254 -25.98 -15.00 15.08
CA LYS A 254 -27.10 -14.97 14.13
C LYS A 254 -27.42 -16.36 13.62
N THR A 255 -28.68 -16.56 13.24
CA THR A 255 -29.13 -17.85 12.70
C THR A 255 -29.41 -17.75 11.19
N GLY A 256 -29.42 -18.89 10.50
CA GLY A 256 -29.74 -18.93 9.07
C GLY A 256 -30.94 -19.80 8.71
N THR A 257 -31.49 -19.59 7.52
CA THR A 257 -32.69 -20.32 7.10
C THR A 257 -32.52 -20.84 5.67
N ILE A 258 -32.48 -22.15 5.50
CA ILE A 258 -32.52 -22.71 4.15
C ILE A 258 -33.80 -23.49 3.89
N ALA A 259 -34.59 -23.00 2.94
CA ALA A 259 -35.75 -23.76 2.45
C ALA A 259 -35.32 -24.55 1.22
N TYR A 260 -35.78 -25.79 1.12
CA TYR A 260 -35.23 -26.72 0.15
C TYR A 260 -36.21 -27.83 -0.21
N GLN A 261 -35.92 -28.52 -1.30
CA GLN A 261 -36.76 -29.65 -1.71
C GLN A 261 -35.93 -30.91 -1.86
N ARG A 262 -35.52 -31.20 -3.10
CA ARG A 262 -34.73 -32.41 -3.35
C ARG A 262 -33.48 -32.04 -4.14
N GLY A 263 -32.36 -32.61 -3.71
CA GLY A 263 -31.05 -32.23 -4.27
C GLY A 263 -30.25 -31.45 -3.25
N VAL A 264 -30.96 -30.89 -2.27
CA VAL A 264 -30.40 -30.24 -1.09
C VAL A 264 -29.02 -30.75 -0.74
N LEU A 265 -28.05 -29.84 -0.70
CA LEU A 265 -26.79 -30.14 -0.09
C LEU A 265 -26.77 -29.37 1.21
N LEU A 266 -27.19 -30.05 2.28
CA LEU A 266 -27.24 -29.45 3.60
C LEU A 266 -25.85 -29.11 4.08
N PRO A 267 -25.71 -28.00 4.81
CA PRO A 267 -24.39 -27.62 5.30
C PRO A 267 -23.88 -28.62 6.30
N GLN A 268 -22.58 -28.85 6.31
CA GLN A 268 -22.00 -29.74 7.30
C GLN A 268 -20.91 -29.03 8.07
N LYS A 269 -19.66 -29.39 7.78
CA LYS A 269 -18.49 -28.70 8.31
C LYS A 269 -18.56 -27.26 7.81
N VAL A 270 -18.43 -26.33 8.74
CA VAL A 270 -18.72 -24.94 8.44
C VAL A 270 -17.64 -24.02 9.01
N TRP A 271 -17.18 -23.07 8.18
CA TRP A 271 -16.08 -22.17 8.56
C TRP A 271 -16.41 -21.27 9.74
N CYS A 272 -15.50 -21.29 10.71
CA CYS A 272 -15.43 -20.21 11.69
C CYS A 272 -14.20 -19.39 11.38
N ALA A 273 -14.38 -18.07 11.45
CA ALA A 273 -13.33 -17.11 11.11
C ALA A 273 -13.42 -15.87 12.00
N SER A 274 -12.29 -15.19 12.16
CA SER A 274 -12.18 -14.04 13.06
C SER A 274 -10.93 -13.24 12.73
N GLY A 275 -10.93 -11.98 13.13
CA GLY A 275 -9.77 -11.12 12.91
C GLY A 275 -9.63 -10.70 11.45
N ARG A 276 -8.81 -9.68 11.23
CA ARG A 276 -8.77 -9.04 9.93
C ARG A 276 -7.36 -8.97 9.38
N SER A 277 -7.06 -9.84 8.43
CA SER A 277 -5.79 -9.79 7.73
C SER A 277 -5.91 -8.78 6.60
N LYS A 278 -4.85 -8.01 6.37
CA LYS A 278 -4.84 -6.96 5.34
C LYS A 278 -4.65 -7.61 3.99
N VAL A 279 -5.57 -7.35 3.08
CA VAL A 279 -5.59 -8.04 1.78
C VAL A 279 -5.21 -7.12 0.62
N ILE A 280 -4.46 -7.67 -0.32
CA ILE A 280 -4.07 -6.96 -1.52
C ILE A 280 -4.12 -7.89 -2.73
N LYS A 281 -4.15 -7.30 -3.92
CA LYS A 281 -4.21 -8.03 -5.16
C LYS A 281 -2.78 -8.17 -5.64
N GLY A 282 -2.29 -9.43 -5.65
CA GLY A 282 -0.91 -9.69 -6.04
C GLY A 282 -0.76 -11.00 -6.80
N SER A 283 -0.05 -10.96 -7.93
CA SER A 283 0.23 -12.20 -8.67
C SER A 283 1.36 -12.92 -7.97
N LEU A 284 1.10 -14.15 -7.54
CA LEU A 284 1.90 -14.71 -6.47
C LEU A 284 2.49 -16.10 -6.60
N PRO A 285 3.74 -16.15 -7.04
CA PRO A 285 4.79 -17.07 -6.63
C PRO A 285 5.76 -16.30 -5.71
N LEU A 286 5.35 -16.10 -4.44
CA LEU A 286 6.10 -15.28 -3.46
C LEU A 286 7.60 -15.51 -3.40
N ILE A 287 8.40 -14.44 -3.55
CA ILE A 287 9.86 -14.56 -3.43
C ILE A 287 10.46 -13.53 -2.48
N GLY A 288 10.94 -14.03 -1.33
CA GLY A 288 11.79 -13.26 -0.42
C GLY A 288 11.08 -12.37 0.58
N GLU A 289 11.73 -11.25 0.90
CA GLU A 289 11.18 -10.27 1.83
C GLU A 289 11.36 -8.84 1.31
N ALA A 290 10.26 -8.07 1.34
CA ALA A 290 10.26 -6.66 0.97
C ALA A 290 9.68 -5.83 2.11
N ASP A 291 9.98 -4.52 2.09
CA ASP A 291 9.48 -3.61 3.11
C ASP A 291 7.98 -3.40 2.98
N CYS A 292 7.47 -3.68 1.80
CA CYS A 292 6.19 -3.13 1.39
C CYS A 292 5.72 -3.77 0.09
N LEU A 293 4.41 -4.01 0.00
CA LEU A 293 3.83 -4.68 -1.16
C LEU A 293 2.89 -3.79 -1.95
N HIS A 294 3.22 -3.59 -3.22
CA HIS A 294 2.46 -2.69 -4.05
C HIS A 294 1.67 -3.48 -5.07
N GLU A 295 0.36 -3.21 -5.13
CA GLU A 295 -0.49 -3.92 -6.08
C GLU A 295 0.13 -4.01 -7.46
N LYS A 296 0.85 -2.97 -7.89
CA LYS A 296 1.51 -3.00 -9.19
C LYS A 296 3.00 -3.31 -9.06
N TYR A 297 3.79 -2.33 -8.64
CA TYR A 297 5.24 -2.52 -8.50
C TYR A 297 5.62 -3.77 -7.72
N GLY A 298 4.70 -4.31 -6.93
CA GLY A 298 4.92 -5.60 -6.27
C GLY A 298 5.84 -5.51 -5.07
N GLY A 299 6.80 -6.42 -4.99
CA GLY A 299 7.78 -6.39 -3.93
C GLY A 299 8.57 -5.09 -4.03
N LEU A 300 8.62 -4.35 -2.92
CA LEU A 300 9.33 -3.07 -2.90
C LEU A 300 9.76 -2.69 -1.49
N ASN A 301 10.95 -2.11 -1.39
CA ASN A 301 11.48 -1.73 -0.10
C ASN A 301 11.85 -0.25 -0.03
N LYS A 302 11.71 0.33 1.16
CA LYS A 302 11.67 1.79 1.31
C LYS A 302 13.02 2.50 1.21
N SER A 303 13.19 3.24 0.12
CA SER A 303 14.39 4.04 -0.10
C SER A 303 14.14 5.49 0.27
N LYS A 304 13.26 6.14 -0.47
CA LYS A 304 12.93 7.54 -0.25
C LYS A 304 11.51 7.66 0.29
N PRO A 305 11.20 8.80 0.94
CA PRO A 305 9.93 9.00 1.62
C PRO A 305 8.70 8.91 0.71
N TYR A 306 8.85 9.32 -0.54
CA TYR A 306 7.76 9.28 -1.51
C TYR A 306 8.14 8.48 -2.73
N TYR A 307 7.15 8.15 -3.55
CA TYR A 307 7.41 7.57 -4.84
C TYR A 307 6.49 8.19 -5.87
N THR A 308 6.92 8.18 -7.12
CA THR A 308 6.07 8.61 -8.22
C THR A 308 5.75 7.41 -9.09
N GLY A 309 4.61 7.48 -9.77
CA GLY A 309 4.19 6.42 -10.67
C GLY A 309 2.71 6.12 -10.55
N GLU A 310 2.37 4.86 -10.70
CA GLU A 310 0.99 4.43 -10.63
C GLU A 310 0.59 4.26 -9.17
N HIS A 311 -0.48 4.94 -8.77
CA HIS A 311 -1.03 4.75 -7.44
C HIS A 311 -1.73 3.40 -7.37
N ALA A 312 -1.71 2.79 -6.19
CA ALA A 312 -2.39 1.52 -5.97
C ALA A 312 -2.43 1.17 -4.50
N LYS A 313 -3.25 0.18 -4.17
CA LYS A 313 -3.26 -0.33 -2.82
C LYS A 313 -1.88 -0.90 -2.54
N ALA A 314 -1.33 -0.50 -1.40
CA ALA A 314 -0.02 -0.96 -0.95
C ALA A 314 -0.04 -1.13 0.57
N ILE A 315 0.55 -2.21 1.07
CA ILE A 315 0.55 -2.46 2.51
C ILE A 315 1.94 -2.58 3.08
N GLY A 316 2.07 -2.19 4.35
CA GLY A 316 3.29 -2.41 5.10
C GLY A 316 4.01 -1.14 5.50
N ASN A 317 5.26 -1.03 5.09
CA ASN A 317 6.05 0.17 5.32
C ASN A 317 6.33 0.78 3.97
N CYS A 318 5.36 1.54 3.48
CA CYS A 318 5.39 1.97 2.11
C CYS A 318 5.70 3.43 1.97
N PRO A 319 6.46 3.79 0.92
CA PRO A 319 6.63 5.18 0.55
C PRO A 319 5.29 5.78 0.14
N ILE A 320 5.09 7.06 0.41
CA ILE A 320 3.85 7.70 0.06
C ILE A 320 3.85 8.09 -1.42
N TRP A 321 2.77 7.74 -2.13
CA TRP A 321 2.60 8.19 -3.50
C TRP A 321 2.57 9.69 -3.57
N VAL A 322 3.04 10.21 -4.70
CA VAL A 322 3.13 11.63 -4.92
C VAL A 322 2.89 11.95 -6.39
N LYS A 323 2.17 13.04 -6.64
CA LYS A 323 1.78 13.48 -7.99
C LYS A 323 2.93 13.45 -8.98
N THR A 324 4.02 14.08 -8.58
CA THR A 324 5.13 14.44 -9.47
C THR A 324 6.46 14.41 -8.70
N PRO A 325 7.59 14.18 -9.42
CA PRO A 325 8.88 14.05 -8.74
C PRO A 325 9.26 15.28 -7.92
N LEU A 326 9.41 15.08 -6.61
CA LEU A 326 9.69 16.20 -5.72
C LEU A 326 11.14 16.20 -5.26
N LYS A 327 11.66 17.40 -5.04
CA LYS A 327 13.05 17.61 -4.69
C LYS A 327 13.18 18.67 -3.61
N LEU A 328 14.09 18.43 -2.67
CA LEU A 328 14.36 19.35 -1.59
C LEU A 328 15.64 20.08 -1.89
N ALA A 329 15.62 21.41 -1.83
CA ALA A 329 16.83 22.19 -2.08
C ALA A 329 17.93 21.84 -1.07
N ASN A 330 19.08 21.43 -1.60
CA ASN A 330 20.28 21.25 -0.79
C ASN A 330 21.40 22.00 -1.50
N GLY A 331 21.28 23.33 -1.48
CA GLY A 331 22.21 24.24 -2.13
C GLY A 331 21.65 25.66 -2.07
N THR A 332 22.02 26.49 -3.03
CA THR A 332 21.57 27.89 -3.08
C THR A 332 21.00 28.21 -4.46
N LYS A 333 20.21 29.27 -4.54
CA LYS A 333 19.67 29.69 -5.83
C LYS A 333 20.82 29.93 -6.80
N TYR A 334 20.57 29.70 -8.08
CA TYR A 334 21.58 29.97 -9.09
C TYR A 334 21.85 31.46 -9.13
N ARG A 335 23.14 31.79 -9.18
CA ARG A 335 23.60 33.17 -9.34
C ARG A 335 24.58 33.26 -10.51
N PRO A 336 24.24 34.07 -11.54
CA PRO A 336 25.19 34.19 -12.66
C PRO A 336 26.50 34.76 -12.17
N PRO A 337 27.65 34.22 -12.65
CA PRO A 337 28.96 34.63 -12.15
C PRO A 337 29.14 36.11 -12.36
N ALA A 338 29.92 36.74 -11.50
CA ALA A 338 29.94 38.19 -11.47
C ALA A 338 31.23 38.80 -11.98
N LYS A 339 31.07 39.73 -12.91
CA LYS A 339 32.04 40.81 -13.10
C LYS A 339 31.21 42.11 -13.06
N LEU A 340 29.98 41.97 -12.57
CA LEU A 340 29.04 43.07 -12.39
C LEU A 340 29.45 43.95 -11.20
N LEU A 341 30.68 44.48 -11.27
CA LEU A 341 31.29 45.22 -10.16
C LEU A 341 32.12 46.39 -10.67
N LYS A 342 32.37 47.34 -9.78
CA LYS A 342 33.32 48.43 -10.03
C LYS A 342 33.84 48.99 -8.70
N GLY B 1 17.69 37.72 -3.13
CA GLY B 1 16.20 37.78 -3.14
C GLY B 1 15.73 39.20 -2.92
N PHE B 2 14.48 39.34 -2.51
CA PHE B 2 13.87 40.66 -2.34
C PHE B 2 14.72 41.58 -1.46
N PHE B 3 15.31 41.04 -0.41
CA PHE B 3 16.19 41.83 0.45
C PHE B 3 17.45 42.25 -0.29
N GLY B 4 18.06 41.30 -1.01
CA GLY B 4 19.31 41.50 -1.74
C GLY B 4 19.23 42.53 -2.86
N ALA B 5 18.12 42.53 -3.58
CA ALA B 5 17.90 43.51 -4.66
C ALA B 5 17.72 44.92 -4.11
N ILE B 6 16.90 45.05 -3.07
CA ILE B 6 16.56 46.36 -2.50
C ILE B 6 17.76 47.04 -1.85
N ALA B 7 18.25 46.46 -0.76
CA ALA B 7 19.47 46.94 -0.12
C ALA B 7 20.58 46.48 -1.04
N GLY B 8 21.01 47.37 -1.93
CA GLY B 8 21.87 47.02 -3.05
C GLY B 8 23.00 46.02 -2.79
N PHE B 9 22.64 44.77 -2.55
CA PHE B 9 23.62 43.69 -2.52
C PHE B 9 23.98 43.38 -3.96
N LEU B 10 24.56 42.20 -4.18
CA LEU B 10 25.05 41.83 -5.48
C LEU B 10 24.46 40.49 -5.83
N GLU B 11 23.68 40.43 -6.91
CA GLU B 11 23.14 39.15 -7.40
C GLU B 11 24.24 38.39 -8.14
N GLY B 12 25.45 38.43 -7.58
CA GLY B 12 26.61 37.91 -8.27
C GLY B 12 26.99 36.58 -7.68
N GLY B 13 27.22 35.61 -8.58
CA GLY B 13 27.85 34.38 -8.17
C GLY B 13 29.33 34.61 -8.18
N TRP B 14 30.04 33.96 -7.25
CA TRP B 14 31.48 33.95 -7.28
C TRP B 14 31.91 32.52 -7.51
N GLU B 15 31.95 32.10 -8.78
CA GLU B 15 32.22 30.70 -9.08
C GLU B 15 33.60 30.25 -8.57
N GLY B 16 34.32 31.21 -7.99
CA GLY B 16 35.52 30.93 -7.21
C GLY B 16 35.20 30.18 -5.92
N MET B 17 34.06 30.51 -5.30
CA MET B 17 33.63 29.92 -4.01
C MET B 17 33.37 28.42 -4.09
N ILE B 18 34.44 27.62 -4.12
CA ILE B 18 34.34 26.17 -4.27
C ILE B 18 33.92 25.46 -2.98
N ALA B 19 34.68 25.67 -1.90
CA ALA B 19 34.55 24.85 -0.69
C ALA B 19 33.32 25.19 0.16
N GLY B 20 32.49 26.11 -0.33
CA GLY B 20 31.34 26.57 0.44
C GLY B 20 30.32 27.38 -0.32
N TRP B 21 29.20 27.66 0.34
CA TRP B 21 28.05 28.32 -0.28
C TRP B 21 28.09 29.82 -0.09
N HIS B 22 28.49 30.24 1.09
CA HIS B 22 28.55 31.66 1.41
C HIS B 22 29.86 31.97 2.08
N GLY B 23 30.42 33.13 1.79
CA GLY B 23 31.68 33.54 2.40
C GLY B 23 31.99 34.97 2.01
N TYR B 24 33.27 35.30 1.95
CA TYR B 24 33.63 36.67 1.70
C TYR B 24 34.43 36.87 0.43
N THR B 25 34.23 38.04 -0.18
CA THR B 25 35.04 38.52 -1.29
C THR B 25 35.94 39.61 -0.72
N SER B 26 37.09 39.86 -1.33
CA SER B 26 38.01 40.88 -0.84
C SER B 26 38.64 41.64 -1.98
N HIS B 27 38.60 42.96 -1.89
CA HIS B 27 38.90 43.84 -3.04
C HIS B 27 40.01 44.86 -2.81
N GLY B 28 40.87 45.00 -3.80
CA GLY B 28 41.92 46.01 -3.76
C GLY B 28 43.04 45.84 -4.78
N ALA B 29 44.20 46.38 -4.43
CA ALA B 29 45.38 46.36 -5.30
C ALA B 29 45.75 44.93 -5.72
N HIS B 30 45.36 43.95 -4.90
CA HIS B 30 45.65 42.56 -5.20
C HIS B 30 44.69 42.03 -6.26
N GLY B 31 43.61 42.76 -6.49
CA GLY B 31 42.57 42.32 -7.41
C GLY B 31 41.31 41.96 -6.66
N VAL B 32 40.88 40.70 -6.77
CA VAL B 32 39.74 40.21 -6.02
C VAL B 32 40.11 38.92 -5.32
N ALA B 33 39.84 38.86 -4.03
CA ALA B 33 40.02 37.63 -3.27
C ALA B 33 38.66 37.04 -2.97
N VAL B 34 38.61 35.72 -2.84
CA VAL B 34 37.37 35.01 -2.54
C VAL B 34 37.64 33.86 -1.59
N ALA B 35 36.76 33.67 -0.61
CA ALA B 35 36.89 32.60 0.36
C ALA B 35 35.54 32.15 0.87
N ALA B 36 35.37 30.83 0.95
CA ALA B 36 34.16 30.27 1.54
C ALA B 36 34.27 30.29 3.04
N ASP B 37 33.12 30.33 3.72
CA ASP B 37 33.07 30.17 5.16
C ASP B 37 32.56 28.77 5.47
N LEU B 38 33.37 28.00 6.19
CA LEU B 38 33.03 26.60 6.48
C LEU B 38 32.23 26.41 7.79
N LYS B 39 31.29 27.32 8.04
CA LYS B 39 30.32 27.14 9.11
C LYS B 39 28.97 27.61 8.62
N SER B 40 28.98 28.64 7.79
CA SER B 40 27.74 29.10 7.17
C SER B 40 27.25 28.07 6.15
N THR B 41 28.19 27.43 5.47
CA THR B 41 27.88 26.38 4.51
C THR B 41 27.48 25.12 5.25
N GLN B 42 28.05 24.93 6.44
CA GLN B 42 27.74 23.77 7.28
C GLN B 42 26.40 23.94 7.98
N GLU B 43 26.18 25.13 8.52
CA GLU B 43 24.95 25.43 9.21
C GLU B 43 23.75 25.43 8.28
N ALA B 44 23.98 25.75 7.01
CA ALA B 44 22.93 25.66 6.00
C ALA B 44 22.60 24.20 5.68
N ILE B 45 23.63 23.37 5.59
CA ILE B 45 23.48 21.94 5.30
C ILE B 45 22.77 21.21 6.44
N ASN B 46 23.01 21.66 7.67
CA ASN B 46 22.27 21.18 8.81
C ASN B 46 20.79 21.37 8.64
N LYS B 47 20.33 22.62 8.65
CA LYS B 47 18.92 22.87 8.51
C LYS B 47 18.31 21.87 7.53
N ILE B 48 18.89 21.80 6.33
CA ILE B 48 18.38 20.97 5.26
C ILE B 48 18.27 19.52 5.71
N THR B 49 19.35 18.99 6.28
CA THR B 49 19.35 17.63 6.83
C THR B 49 18.17 17.42 7.77
N LYS B 50 18.03 18.32 8.74
CA LYS B 50 16.97 18.18 9.73
C LYS B 50 15.59 18.40 9.13
N ASN B 51 15.56 19.11 8.00
CA ASN B 51 14.33 19.32 7.28
C ASN B 51 13.87 18.10 6.53
N LEU B 52 14.83 17.34 6.02
CA LEU B 52 14.56 16.04 5.40
C LEU B 52 13.95 15.10 6.44
N ASN B 53 14.68 14.89 7.52
CA ASN B 53 14.21 14.07 8.63
C ASN B 53 12.79 14.46 9.03
N SER B 54 12.51 15.77 8.93
CA SER B 54 11.19 16.30 9.21
C SER B 54 10.19 15.77 8.20
N LEU B 55 10.47 15.98 6.91
CA LEU B 55 9.54 15.54 5.86
C LEU B 55 9.32 14.05 5.88
N SER B 56 10.33 13.31 6.32
CA SER B 56 10.27 11.84 6.30
C SER B 56 9.32 11.24 7.32
N GLU B 57 9.21 11.85 8.50
CA GLU B 57 8.42 11.32 9.61
C GLU B 57 6.96 11.00 9.28
N LEU B 58 6.33 11.86 8.50
CA LEU B 58 4.93 11.72 8.10
C LEU B 58 4.51 10.27 7.84
N GLU B 59 3.44 9.85 8.50
CA GLU B 59 2.89 8.50 8.34
C GLU B 59 1.45 8.60 7.84
N VAL B 60 1.10 7.80 6.86
CA VAL B 60 -0.27 7.79 6.37
C VAL B 60 -0.81 6.37 6.26
N LYS B 61 -1.95 6.11 6.90
CA LYS B 61 -2.54 4.77 6.91
C LYS B 61 -2.40 4.05 5.58
N ASN B 62 -2.18 2.75 5.66
CA ASN B 62 -1.83 1.89 4.52
C ASN B 62 -2.67 1.99 3.25
N LEU B 63 -4.00 1.92 3.37
CA LEU B 63 -4.88 1.97 2.19
C LEU B 63 -4.84 0.68 1.35
N GLN B 64 -5.82 -0.19 1.58
CA GLN B 64 -5.79 -1.58 1.10
C GLN B 64 -7.17 -2.03 0.62
N ARG B 65 -7.29 -3.31 0.27
CA ARG B 65 -8.57 -3.88 -0.18
C ARG B 65 -9.61 -3.97 0.93
N LEU B 66 -10.87 -4.08 0.53
CA LEU B 66 -11.97 -4.15 1.49
C LEU B 66 -12.21 -5.58 1.94
N SER B 67 -12.22 -5.76 3.26
CA SER B 67 -12.25 -7.07 3.89
C SER B 67 -13.39 -7.96 3.42
N GLY B 68 -14.57 -7.38 3.24
CA GLY B 68 -15.73 -8.17 2.82
C GLY B 68 -16.33 -7.73 1.50
N ALA B 69 -15.50 -7.12 0.65
CA ALA B 69 -15.95 -6.50 -0.63
C ALA B 69 -16.61 -7.50 -1.53
N MET B 70 -15.79 -8.32 -2.19
CA MET B 70 -16.24 -9.42 -3.07
C MET B 70 -16.48 -9.00 -4.51
N ASP B 71 -15.62 -9.55 -5.36
CA ASP B 71 -15.18 -8.91 -6.59
C ASP B 71 -16.10 -9.06 -7.79
N GLU B 72 -17.24 -9.71 -7.60
CA GLU B 72 -18.19 -9.86 -8.69
C GLU B 72 -19.58 -9.51 -8.19
N LEU B 73 -19.74 -9.55 -6.87
CA LEU B 73 -21.01 -9.27 -6.23
C LEU B 73 -21.18 -7.79 -5.91
N HIS B 74 -20.14 -7.19 -5.36
CA HIS B 74 -20.23 -5.86 -4.77
C HIS B 74 -19.55 -4.74 -5.56
N ASN B 75 -19.61 -4.78 -6.88
CA ASN B 75 -18.80 -3.87 -7.71
C ASN B 75 -19.02 -2.40 -7.42
N GLU B 76 -20.27 -2.00 -7.23
CA GLU B 76 -20.59 -0.59 -6.95
C GLU B 76 -19.92 -0.11 -5.66
N ILE B 77 -20.03 -0.89 -4.58
CA ILE B 77 -19.29 -0.61 -3.34
C ILE B 77 -17.78 -0.61 -3.61
N LEU B 78 -17.31 -1.65 -4.28
CA LEU B 78 -15.91 -1.76 -4.66
C LEU B 78 -15.41 -0.55 -5.48
N GLU B 79 -16.29 0.01 -6.32
CA GLU B 79 -15.97 1.18 -7.15
C GLU B 79 -15.78 2.44 -6.32
N LEU B 80 -16.71 2.67 -5.39
CA LEU B 80 -16.62 3.82 -4.46
C LEU B 80 -15.37 3.71 -3.64
N ASP B 81 -14.98 2.48 -3.33
CA ASP B 81 -13.74 2.22 -2.64
C ASP B 81 -12.53 2.75 -3.41
N GLU B 82 -12.51 2.56 -4.74
CA GLU B 82 -11.44 3.15 -5.56
C GLU B 82 -11.47 4.67 -5.46
N LYS B 83 -12.64 5.25 -5.70
CA LYS B 83 -12.83 6.68 -5.56
C LYS B 83 -12.12 7.10 -4.29
N VAL B 84 -12.50 6.49 -3.17
CA VAL B 84 -11.90 6.75 -1.88
C VAL B 84 -10.37 6.71 -1.95
N ASP B 85 -9.81 5.63 -2.46
CA ASP B 85 -8.36 5.51 -2.55
C ASP B 85 -7.79 6.66 -3.38
N ASP B 86 -8.36 6.90 -4.57
CA ASP B 86 -7.91 7.98 -5.44
C ASP B 86 -7.91 9.34 -4.77
N LEU B 87 -9.06 9.69 -4.18
CA LEU B 87 -9.18 10.97 -3.51
C LEU B 87 -8.15 11.07 -2.42
N ARG B 88 -8.14 10.09 -1.51
CA ARG B 88 -7.15 10.08 -0.41
C ARG B 88 -5.76 10.43 -0.92
N ALA B 89 -5.28 9.62 -1.88
CA ALA B 89 -3.98 9.79 -2.54
C ALA B 89 -3.78 11.18 -3.13
N ASP B 90 -4.77 11.64 -3.89
CA ASP B 90 -4.68 12.95 -4.52
C ASP B 90 -4.66 14.05 -3.46
N THR B 91 -5.37 13.84 -2.35
CA THR B 91 -5.40 14.80 -1.23
C THR B 91 -4.06 14.86 -0.49
N ILE B 92 -3.60 13.70 -0.05
CA ILE B 92 -2.39 13.65 0.72
C ILE B 92 -1.18 14.04 -0.12
N SER B 93 -1.30 13.89 -1.44
CA SER B 93 -0.23 14.29 -2.33
C SER B 93 -0.13 15.79 -2.43
N SER B 94 -1.27 16.47 -2.53
CA SER B 94 -1.27 17.93 -2.64
C SER B 94 -0.74 18.54 -1.35
N GLN B 95 -0.99 17.85 -0.24
CA GLN B 95 -0.55 18.30 1.06
C GLN B 95 0.96 18.23 1.16
N ILE B 96 1.52 17.11 0.74
CA ILE B 96 2.95 16.96 0.75
C ILE B 96 3.57 17.97 -0.19
N GLU B 97 3.01 18.08 -1.40
CA GLU B 97 3.46 19.08 -2.36
C GLU B 97 3.62 20.44 -1.67
N LEU B 98 2.63 20.81 -0.87
CA LEU B 98 2.67 22.04 -0.09
C LEU B 98 3.81 22.00 0.91
N ALA B 99 3.87 20.95 1.72
CA ALA B 99 4.89 20.87 2.76
C ALA B 99 6.28 21.12 2.19
N VAL B 100 6.60 20.46 1.08
CA VAL B 100 7.92 20.58 0.47
C VAL B 100 8.18 22.00 -0.02
N LEU B 101 7.27 22.50 -0.85
CA LEU B 101 7.37 23.84 -1.41
C LEU B 101 7.63 24.87 -0.32
N LEU B 102 6.82 24.83 0.73
CA LEU B 102 7.03 25.70 1.89
C LEU B 102 8.45 25.56 2.38
N SER B 103 8.81 24.31 2.65
CA SER B 103 10.16 23.90 3.03
C SER B 103 11.26 24.52 2.14
N ASN B 104 11.07 24.43 0.82
CA ASN B 104 12.01 25.04 -0.14
C ASN B 104 12.08 26.56 -0.02
N GLU B 105 10.92 27.21 -0.12
CA GLU B 105 10.82 28.65 0.14
C GLU B 105 11.66 29.02 1.37
N GLY B 106 11.46 28.30 2.47
CA GLY B 106 12.25 28.46 3.69
C GLY B 106 13.74 28.49 3.41
N ILE B 107 14.26 27.36 2.96
CA ILE B 107 15.69 27.18 2.64
C ILE B 107 16.21 28.23 1.68
N ILE B 108 15.50 28.41 0.58
CA ILE B 108 15.94 29.35 -0.44
C ILE B 108 16.12 30.74 0.16
N ASN B 109 15.09 31.24 0.83
CA ASN B 109 15.12 32.57 1.43
C ASN B 109 16.16 32.71 2.50
N SER B 110 16.26 31.71 3.38
CA SER B 110 17.19 31.74 4.52
C SER B 110 18.62 32.10 4.10
N GLU B 111 19.03 31.65 2.92
CA GLU B 111 20.28 32.09 2.32
C GLU B 111 20.65 33.55 2.55
N ASP B 112 19.75 34.48 2.27
CA ASP B 112 20.03 35.89 2.55
C ASP B 112 20.35 36.16 4.01
N GLU B 113 19.70 35.42 4.91
CA GLU B 113 19.95 35.58 6.33
C GLU B 113 21.32 35.04 6.74
N HIS B 114 21.86 34.10 5.96
CA HIS B 114 23.24 33.65 6.13
C HIS B 114 24.17 34.82 5.83
N LEU B 115 24.14 35.26 4.59
CA LEU B 115 24.89 36.43 4.15
C LEU B 115 24.87 37.51 5.24
N LEU B 116 23.67 37.88 5.67
CA LEU B 116 23.47 38.94 6.65
C LEU B 116 24.25 38.66 7.93
N ALA B 117 24.19 37.43 8.41
CA ALA B 117 24.94 37.03 9.60
C ALA B 117 26.43 37.15 9.32
N LEU B 118 26.86 36.45 8.28
CA LEU B 118 28.26 36.43 7.86
C LEU B 118 28.89 37.83 7.83
N GLU B 119 28.09 38.82 7.47
CA GLU B 119 28.49 40.22 7.52
C GLU B 119 28.79 40.63 8.95
N ARG B 120 27.92 40.26 9.88
CA ARG B 120 28.04 40.71 11.25
C ARG B 120 29.21 40.03 11.93
N LYS B 121 29.48 38.79 11.55
CA LYS B 121 30.68 38.11 12.05
C LYS B 121 31.91 38.87 11.60
N LEU B 122 31.93 39.25 10.33
CA LEU B 122 32.98 40.10 9.77
C LEU B 122 33.17 41.42 10.53
N LYS B 123 32.08 42.17 10.71
CA LYS B 123 32.14 43.46 11.40
C LYS B 123 32.88 43.39 12.71
N LYS B 124 32.59 42.36 13.51
CA LYS B 124 33.31 42.14 14.77
C LYS B 124 34.81 42.14 14.55
N MET B 125 35.28 41.21 13.72
CA MET B 125 36.72 40.98 13.59
C MET B 125 37.50 42.07 12.89
N LEU B 126 36.84 42.89 12.08
CA LEU B 126 37.53 44.00 11.42
C LEU B 126 37.83 45.17 12.38
N GLY B 127 37.28 45.13 13.59
CA GLY B 127 37.54 46.16 14.58
C GLY B 127 36.74 47.43 14.33
N PRO B 128 36.90 48.44 15.20
CA PRO B 128 36.14 49.68 15.14
C PRO B 128 36.65 50.69 14.13
N SER B 129 37.77 50.37 13.47
CA SER B 129 38.34 51.29 12.48
C SER B 129 37.77 51.05 11.08
N ALA B 130 37.09 49.92 10.88
CA ALA B 130 36.42 49.62 9.61
C ALA B 130 35.18 50.51 9.44
N VAL B 131 34.63 50.52 8.23
CA VAL B 131 33.43 51.32 7.97
C VAL B 131 32.36 50.47 7.30
N ASP B 132 31.26 50.28 8.03
CA ASP B 132 30.12 49.49 7.56
C ASP B 132 29.44 50.26 6.45
N ILE B 133 29.43 49.73 5.24
CA ILE B 133 28.81 50.46 4.14
C ILE B 133 27.29 50.32 4.15
N GLY B 134 26.80 49.13 4.47
CA GLY B 134 25.37 48.80 4.37
C GLY B 134 25.15 47.90 3.16
N ASN B 135 26.07 48.05 2.21
CA ASN B 135 26.23 47.19 1.05
C ASN B 135 26.36 45.70 1.36
N GLY B 136 26.66 45.38 2.61
CA GLY B 136 27.12 44.06 2.99
C GLY B 136 28.63 44.03 2.90
N CYS B 137 29.21 45.23 2.88
CA CYS B 137 30.64 45.44 2.66
C CYS B 137 31.24 46.39 3.67
N PHE B 138 32.57 46.34 3.78
CA PHE B 138 33.30 47.17 4.72
C PHE B 138 34.51 47.82 4.07
N GLU B 139 34.63 49.13 4.26
CA GLU B 139 35.83 49.83 3.87
C GLU B 139 36.83 49.75 5.01
N THR B 140 37.98 49.16 4.72
CA THR B 140 38.96 48.89 5.75
C THR B 140 40.25 49.67 5.57
N LYS B 141 40.82 50.11 6.69
CA LYS B 141 41.99 50.99 6.68
C LYS B 141 43.30 50.27 6.28
N HIS B 142 43.20 48.99 5.95
CA HIS B 142 44.36 48.19 5.60
C HIS B 142 44.06 47.34 4.37
N LYS B 143 45.12 46.81 3.76
CA LYS B 143 44.95 45.96 2.60
C LYS B 143 44.63 44.54 3.02
N CYS B 144 43.82 43.84 2.23
CA CYS B 144 43.51 42.45 2.50
C CYS B 144 43.59 41.57 1.26
N ASN B 145 44.71 40.86 1.11
CA ASN B 145 44.90 39.92 0.02
C ASN B 145 44.39 38.54 0.43
N GLN B 146 44.56 37.57 -0.48
CA GLN B 146 44.10 36.21 -0.25
C GLN B 146 44.40 35.64 1.13
N THR B 147 45.62 35.83 1.63
CA THR B 147 45.98 35.23 2.92
C THR B 147 45.15 35.82 4.03
N CYS B 148 45.17 37.15 4.14
CA CYS B 148 44.39 37.89 5.12
C CYS B 148 42.93 37.45 5.12
N LEU B 149 42.33 37.38 3.93
CA LEU B 149 40.92 37.02 3.80
C LEU B 149 40.65 35.60 4.30
N ASP B 150 41.62 34.73 4.15
CA ASP B 150 41.46 33.34 4.56
C ASP B 150 41.41 33.22 6.05
N ARG B 151 42.17 34.08 6.73
CA ARG B 151 42.05 34.20 8.19
C ARG B 151 40.66 34.73 8.55
N ILE B 152 40.15 35.66 7.74
CA ILE B 152 38.81 36.20 7.94
C ILE B 152 37.79 35.09 7.81
N ALA B 153 37.98 34.22 6.84
CA ALA B 153 37.05 33.12 6.64
C ALA B 153 37.13 32.10 7.76
N ALA B 154 38.30 31.94 8.37
CA ALA B 154 38.51 30.91 9.39
C ALA B 154 38.18 31.37 10.81
N GLY B 155 38.07 32.69 11.01
CA GLY B 155 37.90 33.23 12.34
C GLY B 155 39.21 33.31 13.11
N THR B 156 40.31 33.24 12.39
CA THR B 156 41.62 33.42 12.98
C THR B 156 42.21 34.69 12.42
N PHE B 157 41.34 35.67 12.20
CA PHE B 157 41.80 36.98 11.79
C PHE B 157 41.96 37.86 13.01
N ASN B 158 42.94 38.75 12.95
CA ASN B 158 43.16 39.74 14.00
C ASN B 158 43.59 41.07 13.39
N ALA B 159 42.75 42.10 13.54
CA ALA B 159 43.14 43.46 13.22
C ALA B 159 44.32 43.75 14.14
N GLY B 160 45.11 44.76 13.83
CA GLY B 160 46.27 45.00 14.68
C GLY B 160 47.42 44.09 14.28
N GLU B 161 47.12 43.10 13.44
CA GLU B 161 48.15 42.43 12.67
C GLU B 161 48.62 43.51 11.70
N PHE B 162 47.74 44.47 11.46
CA PHE B 162 48.07 45.68 10.75
C PHE B 162 47.91 46.87 11.70
N SER B 163 48.50 46.72 12.90
CA SER B 163 48.33 47.63 14.06
C SER B 163 47.09 48.56 14.04
N LEU B 164 45.92 47.96 14.30
CA LEU B 164 44.66 48.69 14.35
C LEU B 164 43.85 48.22 15.56
N PRO B 165 42.95 49.07 16.08
CA PRO B 165 42.17 48.70 17.28
C PRO B 165 41.38 47.40 17.13
N THR B 166 41.14 46.74 18.26
CA THR B 166 40.52 45.42 18.24
C THR B 166 39.47 45.23 19.34
N PHE B 167 38.34 44.65 18.97
CA PHE B 167 37.37 44.18 19.96
C PHE B 167 37.87 42.83 20.43
N ASP B 168 37.84 42.60 21.74
CA ASP B 168 38.25 41.31 22.31
C ASP B 168 37.11 40.70 23.12
N SER B 169 36.66 39.52 22.72
CA SER B 169 35.50 38.88 23.36
C SER B 169 35.88 38.38 24.74
C1 NAG C . 18.08 25.29 -14.71
C2 NAG C . 19.36 25.22 -15.53
C3 NAG C . 18.97 25.20 -17.01
C4 NAG C . 18.16 23.95 -17.31
C5 NAG C . 17.06 23.72 -16.27
C6 NAG C . 16.71 22.23 -16.22
C7 NAG C . 20.40 27.49 -15.65
C8 NAG C . 21.79 28.06 -15.72
N2 NAG C . 20.31 26.25 -15.13
O3 NAG C . 20.09 25.21 -17.86
O4 NAG C . 17.66 24.07 -18.63
O5 NAG C . 17.42 24.06 -14.94
O6 NAG C . 16.34 21.87 -14.91
O7 NAG C . 19.43 28.14 -16.05
C1 NAG C . 17.55 22.76 -19.25
C2 NAG C . 16.17 22.55 -19.92
C3 NAG C . 16.02 21.05 -20.18
C4 NAG C . 17.24 20.52 -20.95
C5 NAG C . 18.58 20.97 -20.36
C6 NAG C . 19.77 20.62 -21.26
C7 NAG C . 13.93 23.49 -19.44
C8 NAG C . 12.73 22.70 -18.99
N2 NAG C . 15.12 23.03 -19.03
O3 NAG C . 14.85 20.81 -20.93
O4 NAG C . 17.15 19.11 -20.98
O5 NAG C . 18.59 22.38 -20.14
O6 NAG C . 19.83 19.22 -21.52
O7 NAG C . 13.81 24.50 -20.14
C1 NAG D . -13.50 -43.33 2.06
C2 NAG D . -13.43 -43.28 3.60
C3 NAG D . -14.09 -44.47 4.30
C4 NAG D . -15.37 -45.00 3.64
C5 NAG D . -15.28 -45.01 2.11
C6 NAG D . -16.68 -45.15 1.51
C7 NAG D . -11.62 -42.89 5.28
C8 NAG D . -11.47 -41.41 5.66
N2 NAG D . -12.03 -43.15 4.00
O3 NAG D . -14.40 -44.11 5.64
O4 NAG D . -15.66 -46.25 4.31
O5 NAG D . -14.75 -43.80 1.60
O6 NAG D . -16.62 -45.09 0.09
O7 NAG D . -11.37 -43.81 6.10
C1 NDG D . -15.84 -47.45 3.51
C2 NDG D . -17.16 -48.16 3.87
C3 NDG D . -17.05 -48.88 5.23
C4 NDG D . -15.79 -49.76 5.29
C5 NDG D . -14.54 -48.98 4.86
C6 NDG D . -13.31 -49.88 4.78
C7 NDG D . -19.51 -47.54 3.34
C8 NDG D . -19.71 -47.35 1.85
O5 NDG D . -14.75 -48.37 3.59
O3 NDG D . -18.19 -49.69 5.45
O4 NDG D . -15.64 -50.24 6.62
O6 NDG D . -12.43 -49.56 5.85
O7 NDG D . -20.42 -47.97 4.05
N2 NDG D . -18.30 -47.23 3.84
C1 NAG E . 14.48 -4.85 -0.17
C2 NAG E . 15.23 -5.62 -1.27
C3 NAG E . 15.10 -7.11 -0.96
C4 NAG E . 15.85 -7.35 0.34
C5 NAG E . 15.21 -6.52 1.45
C6 NAG E . 16.07 -6.55 2.71
C7 NAG E . 13.75 -5.67 -3.29
C8 NAG E . 13.82 -5.53 -4.78
N2 NAG E . 14.82 -5.24 -2.62
O3 NAG E . 15.64 -7.90 -1.99
O4 NAG E . 15.73 -8.70 0.70
O5 NAG E . 15.00 -5.15 1.10
O6 NAG E . 15.22 -6.29 3.80
O7 NAG E . 12.74 -6.15 -2.74
C1 NAG E . 16.87 -9.48 0.32
C2 NAG E . 17.33 -10.33 1.52
C3 NAG E . 18.23 -11.51 1.13
C4 NAG E . 17.87 -12.18 -0.20
C5 NAG E . 17.50 -11.15 -1.28
C6 NAG E . 17.01 -11.85 -2.56
C7 NAG E . 19.28 -9.18 2.61
C8 NAG E . 19.83 -8.00 1.82
N2 NAG E . 17.96 -9.45 2.51
O3 NAG E . 18.16 -12.48 2.16
O4 NAG E . 18.97 -12.96 -0.61
O5 NAG E . 16.50 -10.28 -0.78
O6 NAG E . 15.61 -11.55 -2.79
O7 NAG E . 20.05 -9.88 3.30
C1 NAG F . 23.87 18.36 0.54
C2 NAG F . 24.25 16.87 0.53
C3 NAG F . 25.51 16.71 1.37
C4 NAG F . 26.55 17.37 0.46
C5 NAG F . 26.22 18.87 0.33
C6 NAG F . 27.11 19.58 -0.68
C7 NAG F . 22.60 15.82 2.01
C8 NAG F . 22.55 14.41 2.55
N2 NAG F . 23.15 15.95 0.82
O3 NAG F . 25.83 15.35 1.61
O4 NAG F . 27.92 16.97 0.63
O5 NAG F . 24.90 19.08 -0.11
O6 NAG F . 26.48 20.78 -1.02
O7 NAG F . 22.16 16.76 2.68
C1 NDG F . 28.61 17.31 1.87
C2 NDG F . 30.05 17.82 1.63
C3 NDG F . 31.19 16.79 1.77
C4 NDG F . 30.87 15.48 2.52
C5 NDG F . 29.40 15.11 2.34
C6 NDG F . 29.03 13.86 3.13
C7 NDG F . 30.77 18.11 -0.76
C8 NDG F . 29.94 17.41 -1.81
O5 NDG F . 28.59 16.19 2.76
O3 NDG F . 32.26 17.41 2.44
O4 NDG F . 31.72 14.45 2.07
O6 NDG F . 28.84 12.79 2.15
O7 NDG F . 31.99 18.27 -0.96
N2 NDG F . 30.15 18.55 0.35
C1 NAG G . -20.85 -34.86 10.52
C2 NAG G . -20.18 -36.10 11.15
C3 NAG G . -19.91 -37.25 10.16
C4 NAG G . -21.05 -37.45 9.18
C5 NAG G . -21.31 -36.06 8.60
C6 NAG G . -22.16 -36.04 7.35
C7 NAG G . -17.75 -36.27 11.69
C8 NAG G . -17.25 -37.10 12.84
N2 NAG G . -18.96 -35.70 11.85
O3 NAG G . -19.70 -38.47 10.84
O4 NAG G . -20.69 -38.40 8.21
O5 NAG G . -21.86 -35.25 9.62
O6 NAG G . -21.72 -34.90 6.63
O7 NAG G . -17.05 -36.11 10.67
C1 NAG H . -42.76 -42.40 2.40
C2 NAG H . -43.75 -41.25 2.65
C3 NAG H . -44.89 -41.56 3.64
C4 NAG H . -45.29 -43.04 3.67
C5 NAG H . -44.04 -43.91 3.73
C6 NAG H . -44.33 -45.39 3.94
C7 NAG H . -43.50 -38.81 3.11
C8 NAG H . -43.14 -37.95 4.29
N2 NAG H . -43.03 -40.07 3.11
O3 NAG H . -46.03 -40.78 3.36
O4 NAG H . -46.14 -43.26 4.78
O5 NAG H . -43.32 -43.69 2.52
O6 NAG H . -44.44 -46.09 2.71
O7 NAG H . -44.19 -38.35 2.19
C1 NAG I . 49.49 39.07 1.57
C2 NAG I . 50.25 37.94 0.87
C3 NAG I . 51.34 37.40 1.79
C4 NAG I . 52.28 38.51 2.25
C5 NAG I . 51.54 39.76 2.74
C6 NAG I . 52.50 40.95 2.71
C7 NAG I . 49.25 36.48 -0.84
C8 NAG I . 49.54 35.01 -1.13
N2 NAG I . 49.37 36.87 0.44
O3 NAG I . 52.10 36.41 1.13
O4 NAG I . 53.15 38.01 3.26
O5 NAG I . 50.40 40.10 1.95
O6 NAG I . 52.64 41.50 4.00
O7 NAG I . 48.91 37.22 -1.76
S SO4 J . 27.92 52.03 12.29
O1 SO4 J . 26.89 51.27 13.24
O2 SO4 J . 27.26 52.21 10.90
O3 SO4 J . 29.17 51.12 11.95
O4 SO4 J . 28.37 53.45 12.86
#